data_6V06
#
_entry.id   6V06
#
_cell.length_a   160.843
_cell.length_b   166.943
_cell.length_c   114.049
_cell.angle_alpha   90.000
_cell.angle_beta   90.000
_cell.angle_gamma   90.000
#
_symmetry.space_group_name_H-M   'C 2 2 21'
#
loop_
_entity.id
_entity.type
_entity.pdbx_description
1 polymer 'Beta-2-glycoprotein 1'
2 branched alpha-D-mannopyranose-(1-4)-2-acetamido-2-deoxy-beta-D-glucopyranose-(1-2)-alpha-D-mannopyranose-(1-3)-[2-acetamido-2-deoxy-beta-D-glucopyranose-(1-2)-alpha-D-mannopyranose-(1-6)]beta-D-mannopyranose-(1-4)-2-acetamido-2-deoxy-beta-D-glucopyranose-(1-4)-2-acetamido-2-deoxy-beta-D-glucopyranose
3 branched beta-D-mannopyranose-(1-4)-2-acetamido-2-deoxy-beta-D-glucopyranose-(1-2)-alpha-D-mannopyranose-(1-3)-[2-acetamido-2-deoxy-beta-D-glucopyranose-(1-2)-alpha-D-mannopyranose-(1-6)]beta-D-mannopyranose-(1-4)-2-acetamido-2-deoxy-beta-D-glucopyranose-(1-4)-2-acetamido-2-deoxy-beta-D-glucopyranose
4 branched beta-D-mannopyranose-(1-3)-[alpha-D-mannopyranose-(1-6)]alpha-D-mannopyranose-(1-4)-2-acetamido-2-deoxy-beta-D-glucopyranose-(1-4)-2-acetamido-2-deoxy-beta-D-glucopyranose
5 branched 2-acetamido-2-deoxy-beta-D-glucopyranose-(1-2)-beta-D-mannopyranose-(1-6)-beta-D-mannopyranose-(1-4)-2-acetamido-2-deoxy-beta-D-glucopyranose-(1-4)-2-acetamido-2-deoxy-beta-D-glucopyranose
6 non-polymer 'SULFATE ION'
7 non-polymer '4-(2-HYDROXYETHYL)-1-PIPERAZINE ETHANESULFONIC ACID'
8 water water
#
_entity_poly.entity_id   1
_entity_poly.type   'polypeptide(L)'
_entity_poly.pdbx_seq_one_letter_code
;GRTCPKPDDLPFSTVVPLKTFYEPGEEITYSCKPGYVSRGGMRKFICPLTGLWPINTLKCTPRVCPFAGILENGAVRYTT
FEYPNTISFSCNTGFYLNGADSAKCTEEGKWSPELPVCAPIICPPPSIPTFATLRVYKPSAGNNSLYRDTAVFECLPQHA
MFGNDTITCTTHGNWTKLPECREVKCPFPSRPDNGFVNYPAKPTLYYKDKATFGCHDGYSLDGPEEIECTKLGNWSAMPS
CKASCKVPVKKATVVYQGERVKIQEKFKNGMLHGDKVSFFCKNKEKKCSYTEDAQCIDGTIEVPKCFKEHSSLAFWKTDA
SDVKPC
;
_entity_poly.pdbx_strand_id   A
#
# COMPACT_ATOMS: atom_id res chain seq x y z
N GLY A 1 71.98 -6.53 -47.24
CA GLY A 1 72.03 -5.31 -46.37
C GLY A 1 71.13 -5.49 -45.16
N ARG A 2 71.23 -4.59 -44.18
CA ARG A 2 70.30 -4.63 -43.02
C ARG A 2 68.89 -4.20 -43.48
N THR A 3 67.87 -4.71 -42.83
CA THR A 3 66.47 -4.31 -42.98
C THR A 3 65.95 -3.99 -41.60
N CYS A 4 64.94 -3.15 -41.47
CA CYS A 4 64.25 -3.02 -40.17
C CYS A 4 63.22 -4.13 -40.10
N PRO A 5 63.03 -4.68 -38.90
CA PRO A 5 61.98 -5.66 -38.68
C PRO A 5 60.60 -5.04 -38.44
N LYS A 6 59.60 -5.88 -38.31
CA LYS A 6 58.22 -5.47 -38.00
C LYS A 6 58.28 -4.53 -36.82
N PRO A 7 57.65 -3.34 -36.91
CA PRO A 7 57.69 -2.36 -35.84
C PRO A 7 56.87 -2.83 -34.67
N ASP A 8 57.22 -2.33 -33.48
CA ASP A 8 56.51 -2.64 -32.22
C ASP A 8 55.04 -2.28 -32.38
N ASP A 9 54.14 -3.01 -31.76
CA ASP A 9 52.72 -2.62 -31.63
C ASP A 9 52.57 -1.82 -30.34
N LEU A 10 52.40 -0.50 -30.41
CA LEU A 10 52.15 0.32 -29.20
C LEU A 10 50.66 0.38 -28.90
N PRO A 11 50.26 0.45 -27.62
CA PRO A 11 48.85 0.48 -27.24
C PRO A 11 48.07 1.55 -27.98
N PHE A 12 46.88 1.19 -28.48
CA PHE A 12 45.85 2.09 -29.02
C PHE A 12 46.39 2.86 -30.20
N SER A 13 47.27 2.25 -30.99
CA SER A 13 47.91 2.87 -32.18
C SER A 13 47.79 1.93 -33.38
N THR A 14 48.01 2.45 -34.57
CA THR A 14 48.17 1.66 -35.82
C THR A 14 49.39 2.19 -36.54
N VAL A 15 50.05 1.34 -37.32
CA VAL A 15 51.26 1.71 -38.07
C VAL A 15 50.93 1.48 -39.54
N VAL A 16 51.32 2.40 -40.41
CA VAL A 16 51.05 2.33 -41.87
C VAL A 16 52.31 2.74 -42.60
N PRO A 17 52.73 2.01 -43.66
CA PRO A 17 52.28 0.64 -43.93
C PRO A 17 52.97 -0.44 -43.08
N LEU A 18 52.19 -1.40 -42.58
CA LEU A 18 52.64 -2.47 -41.67
C LEU A 18 53.14 -3.64 -42.51
N LYS A 19 54.41 -3.95 -42.33
CA LYS A 19 55.14 -5.04 -43.02
C LYS A 19 55.99 -5.78 -42.00
N THR A 20 56.55 -6.93 -42.38
CA THR A 20 57.39 -7.72 -41.44
C THR A 20 58.85 -7.32 -41.61
N PHE A 21 59.23 -6.70 -42.71
CA PHE A 21 60.56 -6.04 -42.79
C PHE A 21 60.53 -4.86 -43.75
N TYR A 22 61.45 -3.91 -43.55
CA TYR A 22 61.57 -2.68 -44.36
C TYR A 22 63.01 -2.46 -44.82
N GLU A 23 63.16 -1.94 -46.04
CA GLU A 23 64.45 -1.48 -46.61
C GLU A 23 64.80 -0.14 -45.96
N PRO A 24 66.09 0.19 -45.81
CA PRO A 24 66.45 1.48 -45.26
C PRO A 24 65.86 2.55 -46.17
N GLY A 25 65.28 3.57 -45.57
CA GLY A 25 64.68 4.68 -46.32
C GLY A 25 63.18 4.60 -46.38
N GLU A 26 62.58 3.49 -45.97
CA GLU A 26 61.12 3.33 -46.07
C GLU A 26 60.50 4.00 -44.86
N GLU A 27 59.33 4.59 -45.01
CA GLU A 27 58.69 5.38 -43.94
C GLU A 27 57.55 4.57 -43.34
N ILE A 28 57.42 4.62 -42.04
CA ILE A 28 56.17 4.21 -41.35
C ILE A 28 55.62 5.40 -40.56
N THR A 29 54.34 5.34 -40.28
CA THR A 29 53.61 6.35 -39.50
C THR A 29 52.79 5.65 -38.43
N TYR A 30 53.04 5.95 -37.17
CA TYR A 30 52.16 5.58 -36.04
C TYR A 30 51.11 6.67 -35.86
N SER A 31 49.84 6.27 -35.75
CA SER A 31 48.67 7.13 -35.42
C SER A 31 48.00 6.52 -34.23
N CYS A 32 47.44 7.35 -33.36
CA CYS A 32 46.52 6.88 -32.30
C CYS A 32 45.25 6.37 -32.97
N LYS A 33 44.63 5.34 -32.41
CA LYS A 33 43.31 4.83 -32.88
C LYS A 33 42.26 5.90 -32.63
N PRO A 34 41.14 5.85 -33.37
CA PRO A 34 40.06 6.81 -33.18
C PRO A 34 39.64 6.71 -31.71
N GLY A 35 39.56 7.87 -31.05
CA GLY A 35 39.15 7.95 -29.63
C GLY A 35 40.34 8.08 -28.71
N TYR A 36 41.55 8.01 -29.25
CA TYR A 36 42.80 8.20 -28.48
C TYR A 36 43.54 9.41 -29.05
N VAL A 37 44.38 10.01 -28.20
CA VAL A 37 45.30 11.14 -28.52
C VAL A 37 46.64 10.86 -27.84
N SER A 38 47.70 11.47 -28.34
CA SER A 38 49.06 11.37 -27.75
C SER A 38 49.70 12.73 -27.74
N ARG A 39 50.46 13.01 -26.68
CA ARG A 39 51.47 14.10 -26.65
C ARG A 39 52.38 13.90 -27.87
N GLY A 40 52.23 14.79 -28.86
CA GLY A 40 53.09 14.91 -30.06
C GLY A 40 52.31 14.60 -31.32
N GLY A 41 51.24 13.81 -31.22
CA GLY A 41 50.46 13.32 -32.38
C GLY A 41 51.17 12.18 -33.09
N MET A 42 50.86 11.99 -34.38
CA MET A 42 51.50 11.03 -35.31
C MET A 42 53.03 11.09 -35.20
N ARG A 43 53.69 9.95 -34.97
CA ARG A 43 55.15 9.78 -35.13
C ARG A 43 55.46 9.09 -36.49
N LYS A 44 56.26 9.73 -37.35
CA LYS A 44 56.80 9.13 -38.59
C LYS A 44 58.25 8.70 -38.34
N PHE A 45 58.68 7.58 -38.91
CA PHE A 45 60.08 7.09 -38.81
C PHE A 45 60.53 6.53 -40.14
N ILE A 46 61.81 6.68 -40.45
CA ILE A 46 62.44 6.10 -41.66
C ILE A 46 63.44 5.04 -41.22
N CYS A 47 63.33 3.86 -41.79
CA CYS A 47 64.22 2.74 -41.50
C CYS A 47 65.64 3.18 -41.79
N PRO A 48 66.51 3.25 -40.77
CA PRO A 48 67.90 3.62 -40.97
C PRO A 48 68.72 2.44 -41.47
N LEU A 49 69.89 2.73 -42.02
CA LEU A 49 70.87 1.77 -42.57
C LEU A 49 71.27 0.71 -41.52
N THR A 50 71.22 1.06 -40.24
CA THR A 50 71.48 0.12 -39.12
C THR A 50 70.41 -0.98 -39.03
N GLY A 51 69.23 -0.79 -39.59
CA GLY A 51 68.12 -1.76 -39.45
C GLY A 51 67.47 -1.71 -38.06
N LEU A 52 67.68 -0.65 -37.27
CA LEU A 52 67.09 -0.47 -35.93
C LEU A 52 66.12 0.72 -35.92
N TRP A 53 64.87 0.43 -35.65
CA TRP A 53 63.86 1.50 -35.39
C TRP A 53 64.31 2.29 -34.17
N PRO A 54 64.34 3.63 -34.21
CA PRO A 54 64.67 4.42 -33.03
C PRO A 54 63.59 4.36 -31.96
N ILE A 55 63.80 5.13 -30.90
CA ILE A 55 62.91 5.13 -29.70
C ILE A 55 61.62 5.87 -30.09
N ASN A 56 60.48 5.27 -29.70
CA ASN A 56 59.12 5.80 -29.98
C ASN A 56 58.53 6.29 -28.66
N THR A 57 58.18 7.57 -28.60
CA THR A 57 57.70 8.25 -27.37
C THR A 57 56.17 8.37 -27.38
N LEU A 58 55.51 7.87 -28.43
CA LEU A 58 54.04 7.89 -28.61
C LEU A 58 53.37 7.23 -27.42
N LYS A 59 52.49 7.95 -26.74
CA LYS A 59 51.67 7.41 -25.63
C LYS A 59 50.24 7.81 -25.93
N CYS A 60 49.44 6.84 -26.37
CA CYS A 60 48.07 7.03 -26.86
C CYS A 60 47.14 6.83 -25.67
N THR A 61 46.38 7.87 -25.31
CA THR A 61 45.41 7.80 -24.18
C THR A 61 44.02 8.22 -24.65
N PRO A 62 42.97 7.68 -23.99
CA PRO A 62 41.59 8.05 -24.30
C PRO A 62 41.33 9.54 -24.22
N ARG A 63 40.68 10.08 -25.24
CA ARG A 63 39.95 11.37 -25.18
C ARG A 63 39.07 11.40 -23.93
N VAL A 64 39.01 12.55 -23.29
CA VAL A 64 38.20 12.77 -22.07
C VAL A 64 37.05 13.70 -22.44
N CYS A 65 35.83 13.18 -22.34
CA CYS A 65 34.59 13.99 -22.49
C CYS A 65 34.52 14.95 -21.32
N PRO A 66 33.75 16.04 -21.46
CA PRO A 66 33.64 17.02 -20.37
C PRO A 66 32.96 16.41 -19.13
N PHE A 67 33.34 16.89 -17.95
CA PHE A 67 32.90 16.39 -16.62
C PHE A 67 31.38 16.29 -16.57
N ALA A 68 30.85 15.11 -16.24
CA ALA A 68 29.40 14.86 -16.30
C ALA A 68 28.95 14.16 -15.01
N GLY A 69 29.60 14.48 -13.89
CA GLY A 69 29.40 13.81 -12.59
C GLY A 69 28.22 14.35 -11.79
N ILE A 70 27.67 15.48 -12.18
CA ILE A 70 26.58 16.17 -11.45
C ILE A 70 25.37 16.33 -12.37
N LEU A 71 24.26 15.73 -11.95
CA LEU A 71 22.89 15.87 -12.47
C LEU A 71 22.06 16.55 -11.36
N GLU A 72 21.75 17.83 -11.51
CA GLU A 72 20.88 18.52 -10.53
C GLU A 72 19.61 17.66 -10.31
N ASN A 73 19.29 17.39 -9.05
CA ASN A 73 18.13 16.59 -8.57
C ASN A 73 18.21 15.18 -9.10
N GLY A 74 19.41 14.64 -9.33
CA GLY A 74 19.48 13.22 -9.70
C GLY A 74 20.85 12.66 -9.50
N ALA A 75 21.15 11.57 -10.18
CA ALA A 75 22.38 10.80 -9.98
C ALA A 75 22.97 10.35 -11.31
N VAL A 76 24.31 10.36 -11.41
CA VAL A 76 25.06 9.79 -12.55
C VAL A 76 25.84 8.57 -12.08
N ARG A 77 25.73 7.43 -12.77
CA ARG A 77 26.62 6.28 -12.57
C ARG A 77 27.72 6.36 -13.62
N TYR A 78 28.97 6.40 -13.19
CA TYR A 78 30.15 6.47 -14.07
C TYR A 78 31.38 5.90 -13.38
N THR A 79 32.32 5.43 -14.18
CA THR A 79 33.69 5.06 -13.76
C THR A 79 34.54 6.30 -14.06
N THR A 80 34.86 6.53 -15.32
CA THR A 80 35.58 7.73 -15.81
C THR A 80 34.86 8.33 -17.02
N PHE A 81 35.25 9.52 -17.42
CA PHE A 81 34.58 10.24 -18.50
C PHE A 81 35.41 10.09 -19.79
N GLU A 82 36.02 8.93 -20.01
CA GLU A 82 36.92 8.80 -21.17
C GLU A 82 36.29 7.89 -22.22
N TYR A 83 36.63 8.15 -23.48
CA TYR A 83 36.31 7.25 -24.58
C TYR A 83 36.68 5.84 -24.20
N PRO A 84 35.82 4.87 -24.47
CA PRO A 84 34.49 4.83 -25.05
C PRO A 84 33.40 4.58 -23.99
N ASN A 85 33.53 5.19 -22.82
CA ASN A 85 32.68 4.81 -21.69
C ASN A 85 31.27 5.38 -21.78
N THR A 86 30.29 4.61 -21.27
CA THR A 86 28.87 4.99 -21.11
C THR A 86 28.67 5.51 -19.69
N ILE A 87 27.91 6.58 -19.50
CA ILE A 87 27.42 6.99 -18.16
C ILE A 87 25.88 6.87 -18.13
N SER A 88 25.29 6.58 -16.96
CA SER A 88 23.83 6.34 -16.78
C SER A 88 23.23 7.44 -15.89
N PHE A 89 22.00 7.85 -16.16
CA PHE A 89 21.33 8.93 -15.42
C PHE A 89 20.04 8.42 -14.79
N SER A 90 19.70 8.97 -13.62
CA SER A 90 18.37 8.81 -13.00
C SER A 90 18.07 10.00 -12.11
N CYS A 91 16.79 10.16 -11.80
CA CYS A 91 16.28 11.36 -11.13
C CYS A 91 15.89 11.00 -9.69
N ASN A 92 16.10 11.92 -8.78
CA ASN A 92 15.54 11.82 -7.41
C ASN A 92 14.01 11.75 -7.47
N THR A 93 13.40 11.25 -6.39
CA THR A 93 11.94 11.15 -6.20
C THR A 93 11.29 12.49 -6.52
N GLY A 94 10.28 12.46 -7.39
CA GLY A 94 9.46 13.63 -7.74
C GLY A 94 9.98 14.34 -8.99
N PHE A 95 11.10 13.87 -9.54
CA PHE A 95 11.66 14.42 -10.79
C PHE A 95 11.58 13.34 -11.88
N TYR A 96 11.54 13.77 -13.14
CA TYR A 96 11.65 12.88 -14.32
C TYR A 96 12.87 13.31 -15.13
N LEU A 97 13.40 12.36 -15.88
CA LEU A 97 14.59 12.59 -16.73
C LEU A 97 14.12 13.16 -18.07
N ASN A 98 14.46 14.42 -18.32
CA ASN A 98 14.15 15.10 -19.57
C ASN A 98 15.36 14.89 -20.51
N GLY A 99 15.33 13.79 -21.26
CA GLY A 99 16.46 13.35 -22.10
C GLY A 99 16.72 11.88 -21.95
N ALA A 100 17.82 11.38 -22.53
CA ALA A 100 18.18 9.95 -22.53
C ALA A 100 18.75 9.55 -21.18
N ASP A 101 18.62 8.29 -20.83
CA ASP A 101 19.00 7.75 -19.51
C ASP A 101 20.44 7.24 -19.57
N SER A 102 21.12 7.40 -20.71
CA SER A 102 22.55 7.05 -20.85
C SER A 102 23.16 7.86 -21.98
N ALA A 103 24.48 7.98 -21.98
CA ALA A 103 25.25 8.72 -22.99
C ALA A 103 26.64 8.12 -23.09
N LYS A 104 27.27 8.24 -24.25
CA LYS A 104 28.56 7.58 -24.58
C LYS A 104 29.53 8.70 -24.89
N CYS A 105 30.78 8.54 -24.43
CA CYS A 105 31.91 9.40 -24.84
C CYS A 105 32.32 8.89 -26.22
N THR A 106 32.17 9.71 -27.25
CA THR A 106 32.41 9.29 -28.65
C THR A 106 33.91 9.39 -28.96
N GLU A 107 34.31 8.76 -30.05
CA GLU A 107 35.68 8.89 -30.61
C GLU A 107 36.01 10.38 -30.81
N GLU A 108 35.03 11.30 -30.89
CA GLU A 108 35.31 12.75 -31.04
C GLU A 108 35.40 13.44 -29.67
N GLY A 109 35.14 12.71 -28.59
CA GLY A 109 35.30 13.24 -27.23
C GLY A 109 34.16 14.19 -26.87
N LYS A 110 32.95 13.86 -27.32
CA LYS A 110 31.72 14.57 -26.89
C LYS A 110 30.68 13.53 -26.51
N TRP A 111 29.69 13.94 -25.73
CA TRP A 111 28.65 12.99 -25.23
C TRP A 111 27.59 12.78 -26.31
N SER A 112 27.09 11.55 -26.48
CA SER A 112 26.02 11.20 -27.45
C SER A 112 25.12 10.17 -26.78
N PRO A 113 23.80 10.44 -26.64
CA PRO A 113 23.20 11.75 -26.90
C PRO A 113 23.74 12.86 -26.01
N GLU A 114 23.22 14.07 -26.15
CA GLU A 114 23.52 15.20 -25.22
C GLU A 114 23.02 14.82 -23.82
N LEU A 115 23.68 15.39 -22.81
CA LEU A 115 23.37 15.12 -21.39
C LEU A 115 21.94 15.56 -21.06
N PRO A 116 21.18 14.72 -20.33
CA PRO A 116 19.85 15.10 -19.92
C PRO A 116 19.86 16.07 -18.75
N VAL A 117 18.66 16.43 -18.37
CA VAL A 117 18.37 17.33 -17.23
C VAL A 117 17.17 16.75 -16.46
N CYS A 118 17.11 16.96 -15.14
CA CYS A 118 15.98 16.46 -14.31
C CYS A 118 14.97 17.59 -14.12
N ALA A 119 13.68 17.31 -14.12
CA ALA A 119 12.62 18.33 -13.98
C ALA A 119 11.51 17.79 -13.10
N PRO A 120 10.76 18.68 -12.43
CA PRO A 120 9.69 18.29 -11.52
C PRO A 120 8.56 17.61 -12.30
N ILE A 121 8.11 16.48 -11.77
CA ILE A 121 6.83 15.84 -12.15
C ILE A 121 5.66 16.72 -11.72
N ILE A 122 4.80 17.08 -12.67
CA ILE A 122 3.63 17.94 -12.36
C ILE A 122 2.37 17.39 -13.01
N CYS A 123 1.26 17.55 -12.32
CA CYS A 123 -0.10 17.23 -12.83
C CYS A 123 -0.84 18.54 -12.95
N PRO A 124 -1.69 18.68 -13.97
CA PRO A 124 -2.58 19.82 -14.07
C PRO A 124 -3.66 19.70 -12.99
N PRO A 125 -4.45 20.75 -12.70
CA PRO A 125 -5.55 20.65 -11.74
C PRO A 125 -6.50 19.53 -12.12
N PRO A 126 -7.04 18.76 -11.14
CA PRO A 126 -7.87 17.60 -11.43
C PRO A 126 -9.28 18.03 -11.84
N SER A 127 -9.96 17.18 -12.58
CA SER A 127 -11.40 17.41 -12.86
C SER A 127 -12.23 16.98 -11.64
N ILE A 128 -13.32 17.72 -11.31
CA ILE A 128 -14.36 17.38 -10.30
C ILE A 128 -15.39 16.44 -10.93
N PRO A 129 -15.64 15.22 -10.39
CA PRO A 129 -16.71 14.37 -10.92
C PRO A 129 -18.11 14.99 -10.73
N THR A 130 -19.13 14.46 -11.40
CA THR A 130 -20.49 15.07 -11.35
C THR A 130 -21.09 14.80 -9.95
N PHE A 131 -21.70 15.82 -9.35
CA PHE A 131 -22.37 15.74 -8.03
C PHE A 131 -21.32 15.63 -6.94
N ALA A 132 -20.05 15.83 -7.27
CA ALA A 132 -18.94 15.86 -6.28
C ALA A 132 -18.56 17.30 -6.06
N THR A 133 -17.98 17.61 -4.90
CA THR A 133 -17.27 18.89 -4.66
C THR A 133 -15.83 18.56 -4.27
N LEU A 134 -14.98 19.57 -4.25
CA LEU A 134 -13.54 19.41 -3.98
C LEU A 134 -13.30 19.97 -2.58
N ARG A 135 -13.12 19.09 -1.59
CA ARG A 135 -12.79 19.50 -0.19
C ARG A 135 -11.34 19.98 -0.17
N VAL A 136 -10.38 19.04 -0.18
CA VAL A 136 -8.91 19.31 -0.03
C VAL A 136 -8.25 19.36 -1.43
N TYR A 137 -7.93 20.58 -1.92
CA TYR A 137 -6.99 20.87 -3.05
C TYR A 137 -6.37 22.25 -2.87
N LYS A 138 -5.04 22.32 -2.83
CA LYS A 138 -4.28 23.58 -3.06
C LYS A 138 -3.10 23.29 -3.98
N PRO A 139 -2.93 24.04 -5.10
CA PRO A 139 -1.79 23.86 -5.99
C PRO A 139 -0.47 24.13 -5.25
N SER A 140 0.56 23.33 -5.54
CA SER A 140 1.91 23.45 -4.94
C SER A 140 2.96 23.94 -5.95
N ALA A 141 2.61 24.17 -7.22
CA ALA A 141 3.58 24.60 -8.24
C ALA A 141 2.84 25.51 -9.20
N GLY A 142 2.86 26.81 -8.91
CA GLY A 142 2.05 27.70 -9.74
C GLY A 142 0.62 27.26 -9.57
N ASN A 143 0.00 26.75 -10.62
CA ASN A 143 -1.38 26.29 -10.44
C ASN A 143 -1.46 24.79 -10.64
N ASN A 144 -0.31 24.14 -10.70
CA ASN A 144 -0.35 22.67 -10.91
C ASN A 144 0.02 21.97 -9.60
N SER A 145 -0.06 20.65 -9.62
CA SER A 145 0.28 19.88 -8.42
C SER A 145 1.59 19.16 -8.67
N LEU A 146 2.28 18.75 -7.61
CA LEU A 146 3.55 18.00 -7.66
C LEU A 146 3.28 16.53 -7.42
N TYR A 147 4.23 15.69 -7.77
CA TYR A 147 4.10 14.22 -7.59
C TYR A 147 3.67 13.94 -6.16
N ARG A 148 2.68 13.06 -6.03
CA ARG A 148 2.22 12.48 -4.74
C ARG A 148 1.38 13.47 -3.92
N ASP A 149 1.25 14.73 -4.35
CA ASP A 149 0.10 15.58 -3.94
C ASP A 149 -1.21 14.79 -4.07
N THR A 150 -2.20 15.20 -3.29
CA THR A 150 -3.51 14.53 -3.26
C THR A 150 -4.60 15.59 -3.30
N ALA A 151 -5.75 15.14 -3.77
CA ALA A 151 -7.01 15.90 -3.73
C ALA A 151 -8.10 14.98 -3.14
N VAL A 152 -9.04 15.57 -2.43
CA VAL A 152 -10.12 14.78 -1.78
C VAL A 152 -11.46 15.34 -2.21
N PHE A 153 -12.30 14.47 -2.75
CA PHE A 153 -13.71 14.75 -3.10
C PHE A 153 -14.62 14.34 -1.95
N GLU A 154 -15.69 15.09 -1.73
CA GLU A 154 -16.90 14.56 -1.06
C GLU A 154 -18.12 14.79 -1.95
N CYS A 155 -19.02 13.80 -1.98
CA CYS A 155 -20.30 13.84 -2.72
C CYS A 155 -21.24 14.94 -2.18
N LEU A 156 -22.22 15.31 -2.99
CA LEU A 156 -23.39 16.12 -2.57
C LEU A 156 -24.25 15.29 -1.63
N PRO A 157 -24.90 15.96 -0.64
CA PRO A 157 -25.94 15.33 0.17
C PRO A 157 -26.84 14.41 -0.66
N GLN A 158 -27.05 13.18 -0.17
CA GLN A 158 -28.00 12.17 -0.70
C GLN A 158 -27.30 11.33 -1.76
N HIS A 159 -26.03 11.62 -2.01
CA HIS A 159 -25.21 10.89 -3.00
C HIS A 159 -24.12 10.10 -2.29
N ALA A 160 -23.91 8.88 -2.76
CA ALA A 160 -22.91 7.94 -2.23
C ALA A 160 -21.72 7.96 -3.17
N MET A 161 -20.52 7.88 -2.62
CA MET A 161 -19.33 7.90 -3.48
C MET A 161 -18.95 6.49 -3.83
N PHE A 162 -18.90 6.18 -5.12
CA PHE A 162 -18.43 4.83 -5.53
C PHE A 162 -16.99 5.00 -5.95
N GLY A 163 -16.11 4.24 -5.32
CA GLY A 163 -14.69 4.37 -5.63
C GLY A 163 -13.93 4.82 -4.41
N ASN A 164 -13.49 6.07 -4.40
CA ASN A 164 -12.60 6.53 -3.31
C ASN A 164 -12.46 8.04 -3.41
N ASP A 165 -12.44 8.73 -2.27
CA ASP A 165 -12.43 10.21 -2.24
C ASP A 165 -11.05 10.81 -2.48
N THR A 166 -10.01 10.00 -2.55
CA THR A 166 -8.68 10.62 -2.66
C THR A 166 -7.92 10.19 -3.90
N ILE A 167 -7.54 11.23 -4.71
CA ILE A 167 -6.72 11.03 -5.93
C ILE A 167 -5.31 11.58 -5.67
N THR A 168 -4.34 10.92 -6.29
CA THR A 168 -2.90 11.27 -6.19
C THR A 168 -2.33 11.66 -7.56
N CYS A 169 -1.47 12.67 -7.61
CA CYS A 169 -0.70 13.08 -8.81
C CYS A 169 0.37 12.01 -9.08
N THR A 170 0.26 11.30 -10.21
CA THR A 170 1.17 10.19 -10.59
C THR A 170 2.36 10.71 -11.40
N THR A 171 3.31 9.81 -11.60
CA THR A 171 4.54 9.96 -12.41
C THR A 171 4.20 10.34 -13.86
N HIS A 172 3.02 9.98 -14.35
CA HIS A 172 2.60 10.21 -15.76
C HIS A 172 1.98 11.60 -15.91
N GLY A 173 2.07 12.47 -14.79
CA GLY A 173 1.47 13.82 -14.86
C GLY A 173 -0.03 13.77 -15.05
N ASN A 174 -0.66 12.74 -14.79
CA ASN A 174 -2.13 12.48 -14.68
C ASN A 174 -2.42 11.97 -13.26
N TRP A 175 -3.63 12.10 -12.79
CA TRP A 175 -4.13 11.65 -11.47
C TRP A 175 -4.67 10.22 -11.53
N THR A 176 -4.80 9.59 -10.37
CA THR A 176 -5.40 8.24 -10.19
C THR A 176 -6.91 8.34 -10.45
N LYS A 177 -7.55 7.20 -10.66
CA LYS A 177 -9.03 7.06 -10.88
C LYS A 177 -9.88 8.08 -10.12
N LEU A 178 -10.75 8.78 -10.80
CA LEU A 178 -11.72 9.61 -10.10
C LEU A 178 -12.82 8.71 -9.52
N PRO A 179 -13.44 9.14 -8.39
CA PRO A 179 -14.63 8.44 -7.91
C PRO A 179 -15.90 8.97 -8.61
N GLU A 180 -16.97 8.17 -8.67
CA GLU A 180 -18.34 8.63 -9.08
C GLU A 180 -19.22 8.88 -7.83
N CYS A 181 -20.08 9.88 -7.93
CA CYS A 181 -21.14 10.23 -6.97
C CYS A 181 -22.53 10.06 -7.61
N ARG A 182 -23.27 9.00 -7.25
CA ARG A 182 -24.71 8.80 -7.59
C ARG A 182 -25.63 9.04 -6.37
N GLU A 183 -26.84 9.55 -6.60
CA GLU A 183 -27.94 9.60 -5.59
C GLU A 183 -28.44 8.17 -5.34
N VAL A 184 -28.61 7.80 -4.05
CA VAL A 184 -29.15 6.48 -3.64
C VAL A 184 -30.33 6.69 -2.68
N LYS A 185 -31.38 5.87 -2.84
CA LYS A 185 -32.64 5.91 -2.04
C LYS A 185 -32.84 4.58 -1.33
N CYS A 186 -33.29 4.62 -0.08
CA CYS A 186 -33.71 3.39 0.65
C CYS A 186 -35.23 3.41 0.88
N PRO A 187 -35.87 2.20 0.89
CA PRO A 187 -37.25 2.09 1.33
C PRO A 187 -37.43 2.59 2.77
N PHE A 188 -38.68 2.82 3.18
CA PHE A 188 -39.00 3.02 4.62
C PHE A 188 -38.69 1.74 5.39
N PRO A 189 -38.09 1.86 6.59
CA PRO A 189 -37.80 0.68 7.41
C PRO A 189 -39.11 0.21 8.08
N SER A 190 -39.27 -1.11 8.23
CA SER A 190 -40.46 -1.74 8.85
C SER A 190 -40.38 -1.64 10.39
N ARG A 191 -41.43 -1.05 11.02
CA ARG A 191 -41.74 -1.09 12.48
C ARG A 191 -41.68 -2.53 13.00
N PRO A 192 -40.87 -2.85 14.03
CA PRO A 192 -40.80 -4.22 14.53
C PRO A 192 -41.94 -4.56 15.51
N ASP A 193 -42.40 -5.80 15.48
CA ASP A 193 -43.39 -6.29 16.47
C ASP A 193 -42.84 -6.06 17.86
N ASN A 194 -43.63 -5.46 18.75
CA ASN A 194 -43.29 -5.28 20.17
C ASN A 194 -42.29 -4.14 20.27
N GLY A 195 -42.31 -3.25 19.28
CA GLY A 195 -41.46 -2.05 19.35
C GLY A 195 -41.88 -0.93 18.41
N PHE A 196 -40.97 0.00 18.17
CA PHE A 196 -41.18 1.18 17.31
C PHE A 196 -39.89 1.51 16.55
N VAL A 197 -40.03 2.39 15.56
CA VAL A 197 -38.95 2.89 14.69
C VAL A 197 -39.18 4.37 14.44
N ASN A 198 -38.14 5.19 14.53
CA ASN A 198 -38.17 6.63 14.20
C ASN A 198 -37.19 6.89 13.05
N TYR A 199 -37.69 7.51 12.00
CA TYR A 199 -36.91 8.00 10.85
C TYR A 199 -37.49 9.31 10.39
N PRO A 200 -36.73 10.14 9.64
CA PRO A 200 -37.15 11.53 9.43
C PRO A 200 -38.46 11.61 8.62
N ALA A 201 -39.26 12.65 8.91
CA ALA A 201 -40.58 12.94 8.29
C ALA A 201 -40.38 13.52 6.88
N LYS A 202 -40.29 12.66 5.86
CA LYS A 202 -40.13 13.12 4.46
C LYS A 202 -40.37 11.95 3.52
N PRO A 203 -40.83 12.21 2.28
CA PRO A 203 -41.42 11.16 1.44
C PRO A 203 -40.42 10.20 0.81
N THR A 204 -39.12 10.53 0.85
CA THR A 204 -38.03 9.61 0.43
C THR A 204 -36.85 9.72 1.38
N LEU A 205 -36.22 8.57 1.56
CA LEU A 205 -35.02 8.41 2.42
C LEU A 205 -33.83 8.11 1.50
N TYR A 206 -32.74 8.82 1.76
CA TYR A 206 -31.49 8.79 0.96
C TYR A 206 -30.35 8.24 1.80
N TYR A 207 -29.29 7.82 1.09
CA TYR A 207 -27.97 7.38 1.61
C TYR A 207 -27.60 8.24 2.83
N LYS A 208 -27.24 7.57 3.95
CA LYS A 208 -26.78 8.18 5.23
C LYS A 208 -27.96 8.65 6.12
N ASP A 209 -29.21 8.55 5.67
CA ASP A 209 -30.34 8.83 6.58
C ASP A 209 -30.36 7.72 7.65
N LYS A 210 -30.62 8.13 8.90
CA LYS A 210 -30.65 7.26 10.11
C LYS A 210 -32.10 6.90 10.51
N ALA A 211 -32.32 5.64 10.85
CA ALA A 211 -33.52 5.16 11.60
C ALA A 211 -33.06 4.58 12.95
N THR A 212 -33.75 4.93 14.05
CA THR A 212 -33.50 4.36 15.40
C THR A 212 -34.69 3.48 15.81
N PHE A 213 -34.42 2.37 16.47
CA PHE A 213 -35.40 1.37 16.94
C PHE A 213 -35.45 1.35 18.46
N GLY A 214 -36.64 1.07 19.00
CA GLY A 214 -36.88 0.76 20.42
C GLY A 214 -37.78 -0.45 20.59
N CYS A 215 -37.73 -1.06 21.78
CA CYS A 215 -38.64 -2.16 22.16
C CYS A 215 -39.50 -1.77 23.37
N HIS A 216 -40.71 -2.28 23.43
CA HIS A 216 -41.56 -2.24 24.64
C HIS A 216 -40.93 -3.03 25.79
N ASP A 217 -41.27 -2.68 27.02
CA ASP A 217 -40.76 -3.41 28.21
C ASP A 217 -41.08 -4.90 28.00
N GLY A 218 -40.13 -5.77 28.32
CA GLY A 218 -40.27 -7.23 28.16
C GLY A 218 -39.65 -7.73 26.88
N TYR A 219 -39.18 -6.80 26.06
CA TYR A 219 -38.55 -7.09 24.75
C TYR A 219 -37.28 -6.24 24.63
N SER A 220 -36.26 -6.74 23.94
CA SER A 220 -35.04 -5.99 23.59
C SER A 220 -34.65 -6.25 22.13
N LEU A 221 -33.88 -5.35 21.50
CA LEU A 221 -33.44 -5.50 20.08
C LEU A 221 -32.44 -6.64 19.94
N ASP A 222 -32.56 -7.44 18.89
CA ASP A 222 -31.56 -8.50 18.59
C ASP A 222 -30.54 -7.99 17.55
N GLY A 223 -30.43 -6.67 17.39
CA GLY A 223 -29.43 -5.98 16.56
C GLY A 223 -29.28 -4.53 17.00
N PRO A 224 -28.70 -3.64 16.18
CA PRO A 224 -28.29 -2.34 16.68
C PRO A 224 -29.46 -1.35 16.75
N GLU A 225 -29.40 -0.44 17.71
CA GLU A 225 -30.43 0.59 17.94
C GLU A 225 -30.55 1.44 16.68
N GLU A 226 -29.42 1.82 16.07
CA GLU A 226 -29.39 2.79 14.96
C GLU A 226 -28.94 2.07 13.68
N ILE A 227 -29.65 2.35 12.59
CA ILE A 227 -29.35 1.83 11.24
C ILE A 227 -29.26 3.02 10.29
N GLU A 228 -28.62 2.81 9.13
CA GLU A 228 -28.49 3.87 8.10
C GLU A 228 -28.68 3.26 6.72
N CYS A 229 -29.19 4.11 5.84
CA CYS A 229 -29.32 3.84 4.38
C CYS A 229 -27.91 3.74 3.76
N THR A 230 -27.54 2.55 3.30
CA THR A 230 -26.21 2.28 2.67
C THR A 230 -26.21 2.65 1.18
N LYS A 231 -25.01 2.73 0.61
CA LYS A 231 -24.73 3.07 -0.81
C LYS A 231 -25.46 2.10 -1.76
N LEU A 232 -25.75 0.87 -1.33
CA LEU A 232 -26.44 -0.15 -2.18
C LEU A 232 -27.98 -0.07 -2.08
N GLY A 233 -28.58 0.97 -1.49
CA GLY A 233 -30.06 1.12 -1.45
C GLY A 233 -30.77 0.36 -0.34
N ASN A 234 -30.16 -0.68 0.26
CA ASN A 234 -30.68 -1.39 1.46
C ASN A 234 -30.19 -0.67 2.74
N TRP A 235 -30.60 -1.15 3.93
CA TRP A 235 -30.27 -0.57 5.26
C TRP A 235 -29.15 -1.38 5.90
N SER A 236 -28.34 -0.74 6.76
CA SER A 236 -27.20 -1.37 7.48
C SER A 236 -27.68 -2.65 8.18
N ALA A 237 -28.86 -2.61 8.81
CA ALA A 237 -29.53 -3.79 9.40
C ALA A 237 -31.04 -3.54 9.52
N MET A 238 -31.76 -4.57 9.96
CA MET A 238 -33.22 -4.47 10.27
C MET A 238 -33.49 -5.30 11.53
N PRO A 239 -33.26 -4.75 12.73
CA PRO A 239 -33.39 -5.53 13.95
C PRO A 239 -34.85 -5.83 14.35
N SER A 240 -35.04 -6.93 15.07
CA SER A 240 -36.34 -7.35 15.66
C SER A 240 -36.38 -7.05 17.16
N CYS A 241 -37.58 -6.89 17.72
CA CYS A 241 -37.80 -6.87 19.19
C CYS A 241 -38.09 -8.30 19.65
N LYS A 242 -37.23 -8.88 20.48
CA LYS A 242 -37.32 -10.28 20.93
C LYS A 242 -37.65 -10.33 22.43
N ALA A 243 -38.38 -11.36 22.82
CA ALA A 243 -38.96 -11.43 24.18
C ALA A 243 -37.84 -11.75 25.19
N SER A 244 -37.84 -11.04 26.31
CA SER A 244 -37.01 -11.38 27.49
C SER A 244 -37.59 -12.65 28.14
N CYS A 245 -36.77 -13.39 28.89
CA CYS A 245 -37.11 -14.58 29.70
C CYS A 245 -37.28 -14.21 31.18
N LYS A 246 -38.27 -14.79 31.84
CA LYS A 246 -38.33 -14.84 33.32
C LYS A 246 -37.13 -15.66 33.81
N VAL A 247 -36.53 -15.27 34.92
CA VAL A 247 -35.46 -16.08 35.54
C VAL A 247 -36.09 -17.45 35.78
N PRO A 248 -35.50 -18.52 35.25
CA PRO A 248 -36.19 -19.82 35.24
C PRO A 248 -36.11 -20.58 36.56
N VAL A 249 -35.40 -20.06 37.55
CA VAL A 249 -35.25 -20.72 38.88
C VAL A 249 -35.35 -19.65 39.94
N LYS A 250 -35.61 -20.04 41.19
CA LYS A 250 -35.78 -19.10 42.32
C LYS A 250 -34.39 -18.64 42.76
N LYS A 251 -33.44 -19.56 42.93
CA LYS A 251 -32.07 -19.25 43.42
C LYS A 251 -31.08 -20.17 42.73
N ALA A 252 -29.97 -19.63 42.26
CA ALA A 252 -28.88 -20.43 41.69
C ALA A 252 -27.67 -19.56 41.42
N THR A 253 -26.48 -20.14 41.56
CA THR A 253 -25.21 -19.50 41.18
C THR A 253 -24.94 -20.01 39.78
N VAL A 254 -24.72 -19.11 38.84
CA VAL A 254 -24.43 -19.48 37.42
C VAL A 254 -23.19 -18.74 36.97
N VAL A 255 -22.61 -19.21 35.89
CA VAL A 255 -21.53 -18.49 35.13
C VAL A 255 -22.24 -17.63 34.09
N TYR A 256 -21.98 -16.33 34.12
CA TYR A 256 -22.40 -15.35 33.09
C TYR A 256 -21.16 -14.58 32.67
N GLN A 257 -20.78 -14.65 31.39
CA GLN A 257 -19.63 -13.89 30.87
C GLN A 257 -18.37 -14.28 31.67
N GLY A 258 -18.20 -15.57 31.96
CA GLY A 258 -16.97 -16.15 32.53
C GLY A 258 -16.78 -15.90 34.02
N GLU A 259 -17.74 -15.27 34.72
CA GLU A 259 -17.69 -15.04 36.18
C GLU A 259 -18.95 -15.60 36.84
N ARG A 260 -18.85 -16.01 38.09
CA ARG A 260 -19.96 -16.53 38.90
C ARG A 260 -20.83 -15.38 39.38
N VAL A 261 -22.14 -15.50 39.20
CA VAL A 261 -23.16 -14.51 39.65
C VAL A 261 -24.31 -15.29 40.27
N LYS A 262 -25.10 -14.62 41.09
CA LYS A 262 -26.42 -15.13 41.53
C LYS A 262 -27.41 -14.75 40.41
N ILE A 263 -27.99 -15.77 39.81
CA ILE A 263 -28.92 -15.52 38.70
C ILE A 263 -30.08 -14.60 39.11
N GLN A 264 -30.60 -14.78 40.32
CA GLN A 264 -31.64 -13.89 40.89
C GLN A 264 -31.23 -12.45 41.00
N GLU A 265 -29.93 -12.20 41.20
CA GLU A 265 -29.44 -10.83 41.40
C GLU A 265 -29.10 -10.21 40.07
N LYS A 266 -28.24 -10.87 39.25
CA LYS A 266 -27.75 -10.33 37.97
C LYS A 266 -28.93 -10.07 37.02
N PHE A 267 -29.95 -10.94 37.04
CA PHE A 267 -31.11 -10.87 36.13
C PHE A 267 -32.40 -10.62 36.90
N LYS A 268 -32.33 -9.74 37.89
CA LYS A 268 -33.49 -9.45 38.77
C LYS A 268 -34.63 -8.89 37.89
N ASN A 269 -34.31 -8.22 36.78
CA ASN A 269 -35.35 -7.59 35.91
C ASN A 269 -35.58 -8.43 34.65
N GLY A 270 -35.29 -9.73 34.70
CA GLY A 270 -35.43 -10.64 33.57
C GLY A 270 -34.11 -10.82 32.86
N MET A 271 -34.04 -11.82 31.98
CA MET A 271 -32.93 -12.10 31.05
C MET A 271 -33.29 -11.55 29.67
N LEU A 272 -32.38 -10.79 29.03
CA LEU A 272 -32.59 -10.32 27.64
C LEU A 272 -32.41 -11.49 26.67
N HIS A 273 -33.09 -11.44 25.52
CA HIS A 273 -32.85 -12.36 24.38
C HIS A 273 -31.35 -12.37 24.05
N GLY A 274 -30.74 -13.54 23.99
CA GLY A 274 -29.29 -13.63 23.78
C GLY A 274 -28.54 -14.03 25.04
N ASP A 275 -28.96 -13.55 26.21
CA ASP A 275 -28.24 -13.78 27.50
C ASP A 275 -27.98 -15.29 27.65
N LYS A 276 -26.69 -15.63 27.72
CA LYS A 276 -26.21 -17.03 27.88
C LYS A 276 -25.72 -17.17 29.32
N VAL A 277 -25.82 -18.36 29.86
CA VAL A 277 -25.57 -18.60 31.29
C VAL A 277 -25.18 -20.08 31.40
N SER A 278 -24.36 -20.47 32.37
CA SER A 278 -23.99 -21.89 32.59
C SER A 278 -24.42 -22.32 33.98
N PHE A 279 -25.28 -23.33 34.08
CA PHE A 279 -25.78 -23.89 35.35
C PHE A 279 -24.77 -24.94 35.83
N PHE A 280 -24.69 -25.15 37.14
CA PHE A 280 -23.76 -26.12 37.78
C PHE A 280 -24.52 -27.41 38.06
N CYS A 281 -23.90 -28.53 37.71
CA CYS A 281 -24.43 -29.90 37.87
C CYS A 281 -23.37 -30.76 38.57
N LYS A 282 -23.81 -31.68 39.44
CA LYS A 282 -22.96 -32.66 40.16
C LYS A 282 -22.82 -33.96 39.37
N ASN A 283 -21.57 -34.37 39.11
CA ASN A 283 -21.13 -35.76 38.82
C ASN A 283 -21.13 -36.56 40.13
N LYS A 284 -22.12 -37.43 40.34
CA LYS A 284 -22.29 -38.26 41.57
C LYS A 284 -21.14 -39.29 41.68
N GLU A 285 -20.66 -39.79 40.54
CA GLU A 285 -19.58 -40.81 40.49
C GLU A 285 -18.30 -40.19 41.05
N LYS A 286 -17.77 -39.16 40.38
CA LYS A 286 -16.47 -38.51 40.72
C LYS A 286 -16.65 -37.40 41.76
N LYS A 287 -17.83 -37.25 42.36
CA LYS A 287 -18.13 -36.26 43.43
C LYS A 287 -17.50 -34.91 43.09
N CYS A 288 -17.87 -34.33 41.95
CA CYS A 288 -17.39 -33.01 41.45
C CYS A 288 -18.47 -32.31 40.60
N SER A 289 -18.20 -31.09 40.10
CA SER A 289 -19.21 -30.24 39.44
C SER A 289 -18.75 -29.86 38.03
N TYR A 290 -19.69 -29.86 37.10
CA TYR A 290 -19.52 -29.44 35.68
C TYR A 290 -20.63 -28.41 35.38
N THR A 291 -20.47 -27.66 34.30
CA THR A 291 -21.47 -26.68 33.83
C THR A 291 -22.08 -27.15 32.51
N GLU A 292 -23.38 -26.91 32.33
CA GLU A 292 -24.07 -26.97 31.01
C GLU A 292 -24.72 -25.62 30.75
N ASP A 293 -24.69 -25.18 29.48
CA ASP A 293 -25.18 -23.85 29.01
C ASP A 293 -26.71 -23.84 28.77
N ALA A 294 -27.24 -22.64 28.68
CA ALA A 294 -28.66 -22.30 28.59
C ALA A 294 -28.70 -20.89 28.03
N GLN A 295 -29.60 -20.61 27.11
CA GLN A 295 -29.67 -19.26 26.52
C GLN A 295 -31.12 -18.83 26.45
N CYS A 296 -31.37 -17.56 26.76
CA CYS A 296 -32.67 -16.90 26.52
C CYS A 296 -32.82 -16.68 25.02
N ILE A 297 -33.77 -17.39 24.40
CA ILE A 297 -34.24 -17.19 23.00
C ILE A 297 -35.71 -16.78 23.02
N ASP A 298 -35.99 -15.52 22.73
CA ASP A 298 -37.36 -15.01 22.46
C ASP A 298 -38.34 -15.54 23.51
N GLY A 299 -38.03 -15.37 24.80
CA GLY A 299 -38.92 -15.68 25.92
C GLY A 299 -38.76 -17.09 26.48
N THR A 300 -37.91 -17.93 25.90
CA THR A 300 -37.70 -19.32 26.36
C THR A 300 -36.22 -19.55 26.73
N ILE A 301 -35.98 -20.13 27.91
CA ILE A 301 -34.63 -20.65 28.32
C ILE A 301 -34.83 -22.05 28.90
N GLU A 302 -34.05 -23.00 28.40
CA GLU A 302 -34.09 -24.43 28.77
C GLU A 302 -33.01 -24.63 29.83
N VAL A 303 -33.41 -24.81 31.10
CA VAL A 303 -32.42 -25.11 32.18
C VAL A 303 -32.04 -26.58 31.99
N PRO A 304 -30.74 -26.93 31.98
CA PRO A 304 -30.33 -28.33 31.80
C PRO A 304 -31.03 -29.33 32.75
N LYS A 305 -31.26 -30.56 32.28
CA LYS A 305 -31.99 -31.61 33.05
C LYS A 305 -31.21 -31.87 34.35
N CYS A 306 -29.88 -31.98 34.25
CA CYS A 306 -28.96 -32.32 35.37
C CYS A 306 -29.10 -31.32 36.54
N PHE A 307 -29.46 -30.07 36.29
CA PHE A 307 -29.66 -29.05 37.34
C PHE A 307 -30.75 -29.51 38.30
N LYS A 308 -30.49 -29.38 39.59
CA LYS A 308 -31.43 -29.69 40.70
C LYS A 308 -31.58 -28.41 41.51
N GLU A 309 -32.80 -27.97 41.80
CA GLU A 309 -33.00 -26.66 42.47
C GLU A 309 -33.04 -26.77 44.00
N HIS A 310 -33.83 -25.88 44.62
CA HIS A 310 -33.93 -25.72 46.10
C HIS A 310 -32.51 -25.79 46.62
N SER A 311 -31.68 -24.86 46.13
CA SER A 311 -30.25 -24.74 46.46
C SER A 311 -30.00 -23.70 47.55
N SER A 312 -29.75 -24.20 48.75
CA SER A 312 -29.36 -23.34 49.88
C SER A 312 -28.11 -24.05 50.37
N LEU A 313 -28.37 -25.12 51.11
CA LEU A 313 -27.40 -26.10 51.63
C LEU A 313 -28.21 -27.33 52.07
N ALA A 314 -28.06 -28.45 51.36
CA ALA A 314 -28.83 -29.66 51.70
C ALA A 314 -28.16 -30.91 51.13
N PHE A 315 -28.34 -31.20 49.83
CA PHE A 315 -27.78 -32.39 49.10
C PHE A 315 -26.33 -32.70 49.49
N TRP A 316 -26.04 -33.96 49.57
CA TRP A 316 -24.72 -34.37 50.12
C TRP A 316 -23.60 -33.69 49.32
N LYS A 317 -22.72 -32.98 50.03
CA LYS A 317 -21.60 -32.13 49.53
C LYS A 317 -22.18 -30.79 49.02
N THR A 318 -23.41 -30.44 49.44
CA THR A 318 -24.00 -29.06 49.41
C THR A 318 -24.54 -28.75 48.01
N ASP A 319 -24.50 -27.49 47.56
CA ASP A 319 -24.97 -27.05 46.22
C ASP A 319 -23.93 -27.42 45.16
N ALA A 320 -24.38 -27.76 43.90
CA ALA A 320 -23.43 -28.13 42.84
C ALA A 320 -22.41 -27.01 42.62
N SER A 321 -22.82 -25.76 42.77
CA SER A 321 -21.94 -24.59 42.54
C SER A 321 -20.79 -24.58 43.58
N ASP A 322 -21.03 -25.11 44.78
CA ASP A 322 -20.06 -25.13 45.91
C ASP A 322 -19.20 -26.39 45.88
N VAL A 323 -19.44 -27.33 44.98
CA VAL A 323 -18.64 -28.57 44.84
C VAL A 323 -17.44 -28.30 43.95
N LYS A 324 -16.36 -29.03 44.23
CA LYS A 324 -15.05 -28.93 43.54
C LYS A 324 -15.28 -29.24 42.08
N PRO A 325 -14.59 -28.55 41.16
CA PRO A 325 -14.77 -28.80 39.73
C PRO A 325 -14.19 -30.16 39.30
N CYS A 326 -14.71 -30.71 38.20
CA CYS A 326 -14.23 -31.95 37.55
C CYS A 326 -13.07 -31.61 36.62
#